data_1YQT
#
_entry.id   1YQT
#
_cell.length_a   59.680
_cell.length_b   74.640
_cell.length_c   123.690
_cell.angle_alpha   90.00
_cell.angle_beta   90.00
_cell.angle_gamma   90.00
#
_symmetry.space_group_name_H-M   'P 21 21 21'
#
loop_
_entity.id
_entity.type
_entity.pdbx_description
1 polymer 'RNase l inhibitor'
2 non-polymer 'MAGNESIUM ION'
3 non-polymer "ADENOSINE-5'-DIPHOSPHATE"
4 water water
#
_entity_poly.entity_id   1
_entity_poly.type   'polypeptide(L)'
_entity_poly.pdbx_seq_one_letter_code
;(MSE)GSSHHHHHHSSGLVPRSH(MSE)EQLEEDCVHRYGVNAFVLYRLPVVKEG(MSE)VVGIVGPNGTGKSTAVKILA
GQLIPNLCGDNDSWDGVIRAFRGNELQNYFEKLKNGEIRPVVKPQYVDLIPKAVKGKVIELLKKADETGKLEEVVKALEL
ENVLEREIQHLSGGELQRVAIAAALLRNATFYFFDEPSSYLDIRQRLNAARAIRRLSEEGKSVLVVEHDLAVLDYLSDII
HVVYGEPGVYGIFSQPKGTRNGINEFLRGYLKDENVRFRPYEIKFTKTGERVEIERETLVTYPRLVKDYGSFRLEVEPGE
IKKGEVIGIVGPNGIGKTTFVK(MSE)LAGVEEPTEGKIEWDLTVAYKPQYIKADYEGTVYELLSKIDASKLNSNFYKTE
LLKPLGIIDLYDREVNELSGGELQRVAIAATLLRDADIYLLDEPSAYLDVEQRLAVSRAIRHL(MSE)EKNEKTALVVEH
DVL(MSE)IDYVSDRL(MSE)VFEGEPGKYGRALPP(MSE)G(MSE)REG(MSE)NRFLASIGITFRRDPDTGRPRANKE
GSVKDREQKEKGEYYYIA
;
_entity_poly.pdbx_strand_id   A
#
loop_
_chem_comp.id
_chem_comp.type
_chem_comp.name
_chem_comp.formula
ADP non-polymer ADENOSINE-5'-DIPHOSPHATE 'C10 H15 N5 O10 P2'
MG non-polymer 'MAGNESIUM ION' 'Mg 2'
#
# COMPACT_ATOMS: atom_id res chain seq x y z
N GLU A 24 18.67 24.72 13.52
CA GLU A 24 18.66 23.77 12.35
C GLU A 24 18.74 24.49 10.99
N GLU A 25 19.85 24.27 10.29
CA GLU A 25 20.10 24.85 8.97
C GLU A 25 20.12 23.80 7.84
N ASP A 26 19.24 22.81 7.93
CA ASP A 26 19.14 21.77 6.92
C ASP A 26 17.84 22.01 6.13
N CYS A 27 17.33 23.23 6.24
CA CYS A 27 16.12 23.63 5.55
C CYS A 27 16.34 23.60 4.04
N VAL A 28 15.55 22.79 3.33
CA VAL A 28 15.75 22.66 1.89
C VAL A 28 14.82 23.44 1.00
N HIS A 29 13.56 23.55 1.41
CA HIS A 29 12.60 24.28 0.59
C HIS A 29 11.39 24.68 1.39
N ARG A 30 10.91 25.91 1.17
CA ARG A 30 9.71 26.41 1.83
C ARG A 30 8.73 26.81 0.72
N TYR A 31 7.49 26.32 0.78
CA TYR A 31 6.51 26.66 -0.25
C TYR A 31 5.93 28.07 -0.19
N GLY A 32 6.28 28.83 0.83
CA GLY A 32 5.79 30.20 0.91
C GLY A 32 5.69 30.68 2.34
N VAL A 33 5.20 31.91 2.51
CA VAL A 33 5.03 32.48 3.85
C VAL A 33 4.05 31.59 4.61
N ASN A 34 4.51 31.00 5.71
CA ASN A 34 3.63 30.13 6.49
C ASN A 34 3.30 28.83 5.74
N ALA A 35 3.99 28.58 4.62
CA ALA A 35 3.72 27.36 3.86
C ALA A 35 4.58 26.20 4.38
N PHE A 36 4.46 25.06 3.71
CA PHE A 36 5.18 23.85 4.08
C PHE A 36 6.66 23.97 3.86
N VAL A 37 7.42 23.41 4.80
CA VAL A 37 8.88 23.43 4.72
C VAL A 37 9.46 22.02 4.85
N LEU A 38 10.42 21.72 3.99
CA LEU A 38 11.12 20.44 3.97
C LEU A 38 12.55 20.59 4.50
N TYR A 39 12.94 19.70 5.43
CA TYR A 39 14.27 19.65 5.99
C TYR A 39 14.96 18.36 5.58
N ARG A 40 16.18 18.51 5.05
CA ARG A 40 17.03 17.44 4.59
C ARG A 40 16.52 16.71 3.36
N LEU A 41 17.35 15.82 2.83
CA LEU A 41 17.00 15.08 1.62
C LEU A 41 17.50 13.66 1.78
N PRO A 42 16.93 12.73 1.01
CA PRO A 42 17.40 11.34 1.11
C PRO A 42 18.74 11.25 0.34
N VAL A 43 19.46 10.16 0.52
CA VAL A 43 20.69 9.90 -0.22
C VAL A 43 20.31 9.17 -1.50
N VAL A 44 21.14 9.24 -2.53
CA VAL A 44 20.88 8.44 -3.75
C VAL A 44 22.20 7.72 -3.97
N LYS A 45 22.14 6.44 -4.30
CA LYS A 45 23.37 5.69 -4.51
C LYS A 45 23.26 4.72 -5.67
N GLU A 46 24.20 4.82 -6.61
CA GLU A 46 24.16 3.92 -7.74
C GLU A 46 24.40 2.50 -7.26
N GLY A 47 23.66 1.57 -7.87
CA GLY A 47 23.75 0.18 -7.50
C GLY A 47 22.91 -0.18 -6.30
N MSE A 48 22.11 0.74 -5.78
CA MSE A 48 21.30 0.46 -4.59
C MSE A 48 19.88 1.02 -4.71
O MSE A 48 19.64 1.94 -5.49
CB MSE A 48 21.90 1.13 -3.35
CG MSE A 48 23.31 0.67 -3.02
SE MSE A 48 23.24 -1.00 -2.08
CE MSE A 48 23.01 -2.26 -3.49
N VAL A 49 18.95 0.49 -3.93
CA VAL A 49 17.59 1.03 -3.94
C VAL A 49 17.42 1.78 -2.60
N VAL A 50 17.06 3.05 -2.70
CA VAL A 50 16.83 3.82 -1.48
C VAL A 50 15.33 4.02 -1.33
N GLY A 51 14.74 3.46 -0.27
CA GLY A 51 13.32 3.59 -0.02
C GLY A 51 12.95 4.72 0.91
N ILE A 52 11.78 5.34 0.69
CA ILE A 52 11.34 6.44 1.52
C ILE A 52 9.96 6.10 2.04
N VAL A 53 9.79 6.24 3.35
CA VAL A 53 8.53 5.94 3.99
C VAL A 53 8.09 7.01 4.99
N GLY A 54 6.80 7.36 4.96
CA GLY A 54 6.33 8.35 5.94
C GLY A 54 4.93 8.82 5.61
N PRO A 55 4.23 9.47 6.56
CA PRO A 55 2.88 9.93 6.26
C PRO A 55 2.79 10.95 5.11
N ASN A 56 1.61 11.07 4.52
CA ASN A 56 1.49 12.01 3.44
C ASN A 56 1.49 13.43 4.00
N GLY A 57 1.86 14.37 3.13
CA GLY A 57 1.97 15.77 3.48
C GLY A 57 3.28 16.09 4.20
N THR A 58 4.29 15.21 4.12
CA THR A 58 5.56 15.47 4.79
C THR A 58 6.75 15.73 3.89
N GLY A 59 6.49 15.92 2.59
CA GLY A 59 7.56 16.27 1.66
C GLY A 59 8.23 15.19 0.84
N LYS A 60 7.69 13.97 0.87
CA LYS A 60 8.31 12.91 0.08
C LYS A 60 8.36 13.27 -1.40
N SER A 61 7.24 13.71 -1.98
CA SER A 61 7.22 14.07 -3.40
C SER A 61 8.05 15.32 -3.68
N THR A 62 8.10 16.22 -2.70
CA THR A 62 8.89 17.43 -2.85
C THR A 62 10.37 17.07 -3.01
N ALA A 63 10.84 16.07 -2.26
CA ALA A 63 12.25 15.65 -2.35
C ALA A 63 12.51 15.04 -3.71
N VAL A 64 11.54 14.27 -4.19
CA VAL A 64 11.66 13.63 -5.49
C VAL A 64 11.74 14.71 -6.58
N LYS A 65 10.91 15.75 -6.47
CA LYS A 65 10.88 16.84 -7.46
C LYS A 65 12.23 17.59 -7.50
N ILE A 66 12.76 17.82 -6.31
CA ILE A 66 14.02 18.49 -6.16
C ILE A 66 15.16 17.66 -6.76
N LEU A 67 15.27 16.39 -6.36
CA LEU A 67 16.33 15.55 -6.87
C LEU A 67 16.21 15.25 -8.36
N ALA A 68 14.98 15.26 -8.89
CA ALA A 68 14.76 15.02 -10.32
C ALA A 68 15.09 16.25 -11.15
N GLY A 69 15.25 17.39 -10.49
CA GLY A 69 15.55 18.61 -11.21
C GLY A 69 14.30 19.36 -11.68
N GLN A 70 13.12 18.96 -11.18
CA GLN A 70 11.85 19.59 -11.53
C GLN A 70 11.54 20.81 -10.70
N LEU A 71 12.23 20.93 -9.57
CA LEU A 71 12.01 22.05 -8.66
C LEU A 71 13.34 22.55 -8.08
N ILE A 72 13.65 23.83 -8.28
CA ILE A 72 14.91 24.34 -7.72
C ILE A 72 14.60 24.69 -6.27
N PRO A 73 15.26 24.02 -5.32
CA PRO A 73 14.96 24.37 -3.93
C PRO A 73 15.35 25.81 -3.58
N ASN A 74 14.56 26.49 -2.78
CA ASN A 74 14.89 27.86 -2.43
C ASN A 74 15.66 27.96 -1.12
N LEU A 75 15.97 26.80 -0.55
CA LEU A 75 16.73 26.72 0.70
C LEU A 75 16.11 27.54 1.80
N CYS A 76 14.78 27.62 1.77
CA CYS A 76 13.97 28.37 2.71
C CYS A 76 14.35 29.85 2.74
N GLY A 77 14.82 30.30 1.59
CA GLY A 77 15.22 31.69 1.44
C GLY A 77 14.77 32.15 0.08
N ASP A 78 15.66 32.80 -0.65
CA ASP A 78 15.29 33.29 -1.97
C ASP A 78 16.13 32.62 -3.06
N ASN A 79 16.83 31.54 -2.71
CA ASN A 79 17.64 30.89 -3.73
C ASN A 79 16.80 30.54 -4.94
N ASP A 80 17.34 30.76 -6.12
CA ASP A 80 16.60 30.47 -7.35
C ASP A 80 17.49 29.88 -8.44
N SER A 81 18.63 29.34 -8.06
CA SER A 81 19.48 28.75 -9.09
C SER A 81 20.12 27.46 -8.56
N TRP A 82 20.55 26.61 -9.47
CA TRP A 82 21.21 25.38 -9.05
C TRP A 82 22.57 25.73 -8.46
N ASP A 83 23.19 26.80 -8.94
CA ASP A 83 24.49 27.20 -8.40
C ASP A 83 24.34 27.41 -6.90
N GLY A 84 23.22 28.00 -6.49
CA GLY A 84 22.99 28.24 -5.07
C GLY A 84 22.91 26.92 -4.29
N VAL A 85 22.26 25.93 -4.91
CA VAL A 85 22.11 24.63 -4.28
C VAL A 85 23.49 23.95 -4.20
N ILE A 86 24.27 24.08 -5.27
CA ILE A 86 25.59 23.48 -5.29
C ILE A 86 26.46 24.05 -4.15
N ARG A 87 26.40 25.36 -3.93
CA ARG A 87 27.18 25.95 -2.83
C ARG A 87 26.64 25.55 -1.47
N ALA A 88 25.31 25.52 -1.36
CA ALA A 88 24.66 25.15 -0.12
C ALA A 88 24.97 23.70 0.27
N PHE A 89 25.22 22.82 -0.70
CA PHE A 89 25.51 21.44 -0.32
C PHE A 89 26.99 21.08 -0.27
N ARG A 90 27.84 22.08 -0.10
CA ARG A 90 29.27 21.81 0.02
C ARG A 90 29.47 20.90 1.22
N GLY A 91 30.41 19.96 1.14
CA GLY A 91 30.61 19.05 2.24
C GLY A 91 29.65 17.86 2.23
N ASN A 92 28.69 17.87 1.31
CA ASN A 92 27.71 16.79 1.19
C ASN A 92 27.95 16.05 -0.12
N GLU A 93 27.74 14.72 -0.13
CA GLU A 93 27.90 13.90 -1.34
C GLU A 93 26.94 14.37 -2.43
N LEU A 94 25.88 15.07 -2.02
CA LEU A 94 24.94 15.55 -3.01
C LEU A 94 25.46 16.77 -3.79
N GLN A 95 26.56 17.37 -3.34
CA GLN A 95 27.04 18.52 -4.11
C GLN A 95 27.35 18.10 -5.52
N ASN A 96 28.10 17.01 -5.66
CA ASN A 96 28.47 16.54 -6.98
C ASN A 96 27.26 16.12 -7.80
N TYR A 97 26.26 15.57 -7.12
CA TYR A 97 25.01 15.15 -7.77
C TYR A 97 24.37 16.38 -8.42
N PHE A 98 24.14 17.42 -7.63
CA PHE A 98 23.55 18.62 -8.16
C PHE A 98 24.40 19.28 -9.28
N GLU A 99 25.73 19.15 -9.19
CA GLU A 99 26.60 19.68 -10.24
C GLU A 99 26.23 18.97 -11.53
N LYS A 100 26.16 17.64 -11.47
CA LYS A 100 25.83 16.82 -12.63
C LYS A 100 24.42 17.11 -13.12
N LEU A 101 23.52 17.43 -12.21
CA LEU A 101 22.15 17.70 -12.56
C LEU A 101 22.05 19.02 -13.29
N LYS A 102 22.73 20.04 -12.75
CA LYS A 102 22.73 21.36 -13.38
C LYS A 102 23.36 21.31 -14.78
N ASN A 103 24.47 20.58 -14.92
CA ASN A 103 25.19 20.46 -16.18
C ASN A 103 24.47 19.54 -17.17
N GLY A 104 23.41 18.90 -16.70
CA GLY A 104 22.68 18.01 -17.57
C GLY A 104 23.39 16.69 -17.85
N GLU A 105 24.38 16.34 -17.04
CA GLU A 105 25.10 15.07 -17.22
C GLU A 105 24.19 13.93 -16.72
N ILE A 106 23.14 14.29 -15.99
CA ILE A 106 22.15 13.34 -15.50
C ILE A 106 20.77 13.97 -15.66
N ARG A 107 19.80 13.14 -15.98
CA ARG A 107 18.42 13.59 -16.15
C ARG A 107 17.59 12.45 -15.56
N PRO A 108 17.34 12.48 -14.24
CA PRO A 108 16.57 11.40 -13.60
C PRO A 108 15.21 11.09 -14.24
N VAL A 109 14.90 9.80 -14.30
CA VAL A 109 13.62 9.34 -14.84
C VAL A 109 12.69 9.29 -13.65
N VAL A 110 11.49 9.83 -13.80
CA VAL A 110 10.53 9.86 -12.70
C VAL A 110 9.19 9.22 -13.06
N LYS A 111 8.76 8.25 -12.24
CA LYS A 111 7.45 7.62 -12.39
C LYS A 111 6.65 8.50 -11.44
N PRO A 112 5.80 9.37 -12.00
CA PRO A 112 5.02 10.29 -11.16
C PRO A 112 3.99 9.67 -10.24
N GLN A 113 3.71 10.33 -9.14
CA GLN A 113 2.73 9.84 -8.21
C GLN A 113 1.31 9.90 -8.80
N TYR A 114 0.98 11.03 -9.39
CA TYR A 114 -0.37 11.27 -9.89
C TYR A 114 -0.58 10.74 -11.29
N VAL A 115 -0.59 9.41 -11.39
CA VAL A 115 -0.75 8.75 -12.68
C VAL A 115 -2.11 9.03 -13.33
N ASP A 116 -3.09 9.39 -12.50
CA ASP A 116 -4.42 9.71 -13.01
C ASP A 116 -4.37 10.94 -13.92
N LEU A 117 -3.30 11.73 -13.83
CA LEU A 117 -3.15 12.94 -14.64
C LEU A 117 -2.46 12.69 -15.98
N ILE A 118 -1.98 11.48 -16.19
CA ILE A 118 -1.29 11.13 -17.41
C ILE A 118 -2.15 11.38 -18.67
N PRO A 119 -3.43 10.94 -18.67
CA PRO A 119 -4.31 11.14 -19.83
C PRO A 119 -4.46 12.58 -20.25
N LYS A 120 -4.54 13.46 -19.26
CA LYS A 120 -4.68 14.88 -19.56
C LYS A 120 -3.35 15.48 -19.96
N ALA A 121 -2.57 14.72 -20.72
CA ALA A 121 -1.24 15.16 -21.18
C ALA A 121 -0.63 14.23 -22.23
N VAL A 122 -1.24 13.06 -22.40
CA VAL A 122 -0.76 12.06 -23.36
C VAL A 122 -1.96 11.50 -24.09
N LYS A 123 -1.82 11.24 -25.38
CA LYS A 123 -2.92 10.70 -26.17
C LYS A 123 -2.42 9.54 -27.03
N GLY A 124 -3.34 8.76 -27.59
CA GLY A 124 -2.94 7.65 -28.44
C GLY A 124 -2.88 6.30 -27.75
N LYS A 125 -2.32 5.30 -28.43
CA LYS A 125 -2.23 3.96 -27.88
C LYS A 125 -1.06 3.75 -26.93
N VAL A 126 -1.27 2.91 -25.93
CA VAL A 126 -0.23 2.59 -24.98
C VAL A 126 1.04 2.17 -25.72
N ILE A 127 0.90 1.27 -26.69
CA ILE A 127 2.08 0.80 -27.43
C ILE A 127 2.90 1.94 -28.04
N GLU A 128 2.24 3.07 -28.34
CA GLU A 128 2.91 4.23 -28.92
C GLU A 128 3.73 4.97 -27.86
N LEU A 129 3.16 5.06 -26.66
CA LEU A 129 3.85 5.72 -25.55
C LEU A 129 5.07 4.91 -25.15
N LEU A 130 4.93 3.59 -25.09
CA LEU A 130 6.02 2.74 -24.67
C LEU A 130 7.16 2.58 -25.67
N LYS A 131 6.84 2.58 -26.96
CA LYS A 131 7.85 2.43 -28.00
C LYS A 131 8.74 3.64 -27.93
N LYS A 132 8.11 4.78 -27.69
CA LYS A 132 8.78 6.05 -27.58
C LYS A 132 9.68 6.14 -26.35
N ALA A 133 9.24 5.55 -25.25
CA ALA A 133 10.01 5.55 -24.01
C ALA A 133 11.13 4.55 -24.08
N ASP A 134 10.98 3.58 -24.97
CA ASP A 134 11.96 2.51 -25.13
C ASP A 134 13.28 3.00 -25.70
N GLU A 135 14.29 3.12 -24.83
CA GLU A 135 15.63 3.56 -25.24
C GLU A 135 16.58 2.46 -24.83
N THR A 136 16.02 1.34 -24.42
CA THR A 136 16.80 0.21 -23.93
C THR A 136 16.49 -1.12 -24.60
N GLY A 137 15.51 -1.12 -25.51
CA GLY A 137 15.12 -2.34 -26.20
C GLY A 137 14.61 -3.43 -25.28
N LYS A 138 13.92 -3.06 -24.21
CA LYS A 138 13.40 -4.06 -23.28
C LYS A 138 11.87 -4.06 -23.24
N LEU A 139 11.25 -3.53 -24.29
CA LEU A 139 9.80 -3.45 -24.37
C LEU A 139 9.12 -4.79 -24.08
N GLU A 140 9.57 -5.84 -24.76
CA GLU A 140 9.01 -7.16 -24.61
C GLU A 140 9.10 -7.67 -23.17
N GLU A 141 10.21 -7.37 -22.51
CA GLU A 141 10.43 -7.81 -21.13
C GLU A 141 9.57 -7.07 -20.10
N VAL A 142 9.52 -5.74 -20.23
CA VAL A 142 8.75 -4.92 -19.32
C VAL A 142 7.26 -5.23 -19.45
N VAL A 143 6.80 -5.38 -20.70
CA VAL A 143 5.40 -5.67 -20.92
C VAL A 143 5.02 -6.96 -20.24
N LYS A 144 5.92 -7.93 -20.29
CA LYS A 144 5.69 -9.22 -19.67
C LYS A 144 5.53 -9.04 -18.15
N ALA A 145 6.53 -8.41 -17.54
CA ALA A 145 6.54 -8.18 -16.10
C ALA A 145 5.33 -7.44 -15.57
N LEU A 146 4.92 -6.39 -16.25
CA LEU A 146 3.78 -5.60 -15.82
C LEU A 146 2.41 -6.01 -16.37
N GLU A 147 2.32 -7.22 -16.95
CA GLU A 147 1.07 -7.74 -17.50
C GLU A 147 0.37 -6.74 -18.43
N LEU A 148 1.12 -6.14 -19.35
CA LEU A 148 0.54 -5.15 -20.25
C LEU A 148 0.12 -5.68 -21.62
N GLU A 149 0.33 -6.97 -21.85
CA GLU A 149 -0.02 -7.59 -23.13
C GLU A 149 -1.36 -7.14 -23.74
N ASN A 150 -2.44 -7.11 -22.95
CA ASN A 150 -3.73 -6.68 -23.49
C ASN A 150 -4.06 -5.20 -23.34
N VAL A 151 -3.08 -4.39 -22.95
CA VAL A 151 -3.31 -2.95 -22.78
C VAL A 151 -2.64 -2.19 -23.93
N LEU A 152 -1.65 -2.81 -24.56
CA LEU A 152 -0.90 -2.18 -25.65
C LEU A 152 -1.76 -1.53 -26.73
N GLU A 153 -2.85 -2.18 -27.11
CA GLU A 153 -3.75 -1.69 -28.15
C GLU A 153 -4.78 -0.67 -27.64
N ARG A 154 -4.87 -0.52 -26.33
CA ARG A 154 -5.83 0.38 -25.74
C ARG A 154 -5.43 1.86 -25.79
N GLU A 155 -6.41 2.74 -25.84
CA GLU A 155 -6.11 4.18 -25.84
C GLU A 155 -5.91 4.65 -24.39
N ILE A 156 -5.07 5.66 -24.22
CA ILE A 156 -4.76 6.21 -22.90
C ILE A 156 -6.00 6.68 -22.16
N GLN A 157 -6.95 7.21 -22.91
CA GLN A 157 -8.20 7.72 -22.34
C GLN A 157 -9.08 6.64 -21.75
N HIS A 158 -8.87 5.39 -22.13
CA HIS A 158 -9.72 4.30 -21.62
C HIS A 158 -9.10 3.50 -20.48
N LEU A 159 -7.90 3.88 -20.07
CA LEU A 159 -7.20 3.16 -19.02
C LEU A 159 -7.72 3.45 -17.62
N SER A 160 -7.68 2.40 -16.81
CA SER A 160 -8.10 2.47 -15.41
C SER A 160 -6.92 3.01 -14.64
N GLY A 161 -7.17 3.38 -13.38
CA GLY A 161 -6.08 3.89 -12.54
C GLY A 161 -4.99 2.83 -12.49
N GLY A 162 -5.41 1.57 -12.37
CA GLY A 162 -4.47 0.46 -12.32
C GLY A 162 -3.64 0.31 -13.58
N GLU A 163 -4.28 0.42 -14.74
CA GLU A 163 -3.55 0.29 -16.00
C GLU A 163 -2.63 1.52 -16.20
N LEU A 164 -3.08 2.69 -15.78
CA LEU A 164 -2.25 3.90 -15.89
C LEU A 164 -0.98 3.75 -15.03
N GLN A 165 -1.13 3.15 -13.86
CA GLN A 165 0.00 2.96 -12.98
C GLN A 165 1.00 2.02 -13.64
N ARG A 166 0.52 0.91 -14.18
CA ARG A 166 1.44 -0.05 -14.79
C ARG A 166 2.09 0.49 -16.06
N VAL A 167 1.34 1.27 -16.84
CA VAL A 167 1.92 1.89 -18.04
C VAL A 167 3.00 2.90 -17.65
N ALA A 168 2.74 3.67 -16.59
CA ALA A 168 3.72 4.65 -16.12
C ALA A 168 4.99 3.96 -15.59
N ILE A 169 4.84 2.88 -14.82
CA ILE A 169 6.02 2.16 -14.34
C ILE A 169 6.79 1.60 -15.57
N ALA A 170 6.09 1.07 -16.56
CA ALA A 170 6.77 0.55 -17.77
C ALA A 170 7.54 1.65 -18.51
N ALA A 171 6.94 2.83 -18.68
CA ALA A 171 7.59 3.95 -19.37
C ALA A 171 8.91 4.32 -18.70
N ALA A 172 8.89 4.33 -17.37
CA ALA A 172 10.09 4.67 -16.62
C ALA A 172 11.14 3.56 -16.76
N LEU A 173 10.71 2.31 -16.63
CA LEU A 173 11.64 1.18 -16.72
C LEU A 173 12.31 1.07 -18.09
N LEU A 174 11.63 1.58 -19.13
CA LEU A 174 12.16 1.50 -20.49
C LEU A 174 13.22 2.53 -20.88
N ARG A 175 13.28 3.62 -20.11
CA ARG A 175 14.24 4.69 -20.36
C ARG A 175 15.65 4.25 -20.02
N ASN A 176 16.60 4.92 -20.65
CA ASN A 176 18.02 4.64 -20.42
C ASN A 176 18.57 5.83 -19.66
N ALA A 177 18.82 5.63 -18.38
CA ALA A 177 19.35 6.70 -17.54
C ALA A 177 20.14 6.10 -16.39
N THR A 178 20.61 6.94 -15.48
CA THR A 178 21.35 6.42 -14.35
C THR A 178 20.47 6.47 -13.12
N PHE A 179 19.66 7.51 -13.02
CA PHE A 179 18.78 7.70 -11.85
C PHE A 179 17.29 7.52 -12.17
N TYR A 180 16.61 6.66 -11.40
CA TYR A 180 15.18 6.38 -11.59
C TYR A 180 14.43 6.60 -10.26
N PHE A 181 13.43 7.47 -10.27
CA PHE A 181 12.66 7.74 -9.05
C PHE A 181 11.20 7.31 -9.25
N PHE A 182 10.72 6.41 -8.40
CA PHE A 182 9.33 5.89 -8.48
C PHE A 182 8.54 6.42 -7.27
N ASP A 183 7.57 7.28 -7.54
CA ASP A 183 6.79 7.85 -6.47
C ASP A 183 5.48 7.08 -6.29
N GLU A 184 5.41 6.26 -5.23
CA GLU A 184 4.22 5.46 -4.90
C GLU A 184 3.73 4.54 -6.01
N PRO A 185 4.61 3.63 -6.46
CA PRO A 185 4.20 2.73 -7.53
C PRO A 185 3.14 1.69 -7.20
N SER A 186 2.97 1.31 -5.94
CA SER A 186 1.96 0.30 -5.64
C SER A 186 0.48 0.76 -5.71
N SER A 187 0.21 2.07 -5.71
CA SER A 187 -1.19 2.55 -5.76
C SER A 187 -1.94 1.94 -6.96
N TYR A 188 -3.15 1.44 -6.69
CA TYR A 188 -4.02 0.82 -7.72
C TYR A 188 -3.57 -0.56 -8.21
N LEU A 189 -2.48 -1.07 -7.68
CA LEU A 189 -2.01 -2.39 -8.14
C LEU A 189 -2.48 -3.49 -7.23
N ASP A 190 -2.82 -4.66 -7.79
CA ASP A 190 -3.22 -5.74 -6.91
C ASP A 190 -1.95 -6.33 -6.27
N ILE A 191 -2.13 -7.29 -5.36
CA ILE A 191 -1.01 -7.88 -4.65
C ILE A 191 0.10 -8.48 -5.52
N ARG A 192 -0.30 -9.14 -6.61
CA ARG A 192 0.67 -9.75 -7.51
C ARG A 192 1.39 -8.68 -8.31
N GLN A 193 0.62 -7.73 -8.83
CA GLN A 193 1.19 -6.67 -9.63
C GLN A 193 2.19 -5.80 -8.88
N ARG A 194 1.93 -5.53 -7.60
CA ARG A 194 2.84 -4.64 -6.88
C ARG A 194 4.13 -5.35 -6.51
N LEU A 195 4.03 -6.64 -6.22
CA LEU A 195 5.24 -7.37 -5.88
C LEU A 195 6.07 -7.64 -7.14
N ASN A 196 5.41 -7.90 -8.28
CA ASN A 196 6.12 -8.13 -9.54
C ASN A 196 6.74 -6.82 -10.04
N ALA A 197 6.06 -5.69 -9.84
CA ALA A 197 6.67 -4.42 -10.24
C ALA A 197 7.87 -4.12 -9.35
N ALA A 198 7.80 -4.52 -8.09
CA ALA A 198 8.92 -4.25 -7.18
C ALA A 198 10.15 -5.02 -7.69
N ARG A 199 9.93 -6.26 -8.12
CA ARG A 199 11.03 -7.08 -8.63
C ARG A 199 11.61 -6.37 -9.85
N ALA A 200 10.77 -5.91 -10.76
CA ALA A 200 11.25 -5.24 -11.98
C ALA A 200 12.03 -3.94 -11.67
N ILE A 201 11.57 -3.20 -10.66
CA ILE A 201 12.20 -1.94 -10.25
C ILE A 201 13.58 -2.22 -9.61
N ARG A 202 13.60 -3.21 -8.72
CA ARG A 202 14.84 -3.56 -8.03
C ARG A 202 15.93 -4.02 -9.03
N ARG A 203 15.51 -4.66 -10.13
CA ARG A 203 16.46 -5.13 -11.13
C ARG A 203 17.31 -3.97 -11.64
N LEU A 204 16.75 -2.77 -11.67
CA LEU A 204 17.52 -1.64 -12.14
C LEU A 204 18.82 -1.50 -11.34
N SER A 205 18.75 -1.65 -10.02
CA SER A 205 19.93 -1.50 -9.16
C SER A 205 20.93 -2.62 -9.42
N GLU A 206 20.44 -3.78 -9.84
CA GLU A 206 21.30 -4.91 -10.12
C GLU A 206 22.14 -4.60 -11.36
N GLU A 207 21.59 -3.77 -12.24
CA GLU A 207 22.26 -3.35 -13.46
C GLU A 207 23.16 -2.15 -13.17
N GLY A 208 23.35 -1.86 -11.88
CA GLY A 208 24.18 -0.72 -11.49
C GLY A 208 23.50 0.63 -11.49
N LYS A 209 22.19 0.71 -11.72
CA LYS A 209 21.54 2.02 -11.68
C LYS A 209 21.18 2.41 -10.25
N SER A 210 20.80 3.67 -10.05
CA SER A 210 20.38 4.17 -8.75
C SER A 210 18.85 4.25 -8.71
N VAL A 211 18.23 3.71 -7.66
CA VAL A 211 16.78 3.78 -7.59
C VAL A 211 16.34 4.44 -6.28
N LEU A 212 15.34 5.30 -6.37
CA LEU A 212 14.75 5.95 -5.20
C LEU A 212 13.26 5.62 -5.32
N VAL A 213 12.65 5.11 -4.27
CA VAL A 213 11.25 4.78 -4.34
C VAL A 213 10.48 5.18 -3.09
N VAL A 214 9.36 5.88 -3.24
CA VAL A 214 8.52 6.22 -2.09
C VAL A 214 7.42 5.15 -2.07
N GLU A 215 7.18 4.52 -0.92
CA GLU A 215 6.13 3.46 -0.87
C GLU A 215 5.37 3.48 0.45
N HIS A 216 4.07 3.21 0.39
CA HIS A 216 3.26 3.13 1.59
C HIS A 216 2.98 1.68 1.99
N ASP A 217 3.24 0.75 1.09
CA ASP A 217 3.04 -0.69 1.36
C ASP A 217 4.40 -1.17 1.94
N LEU A 218 4.43 -1.46 3.24
CA LEU A 218 5.68 -1.82 3.92
C LEU A 218 6.37 -3.09 3.41
N ALA A 219 5.60 -4.09 2.97
CA ALA A 219 6.15 -5.34 2.45
C ALA A 219 6.88 -5.05 1.15
N VAL A 220 6.25 -4.23 0.32
CA VAL A 220 6.83 -3.85 -0.97
C VAL A 220 8.07 -2.99 -0.73
N LEU A 221 7.95 -2.02 0.18
CA LEU A 221 9.09 -1.16 0.53
C LEU A 221 10.28 -2.04 1.02
N ASP A 222 9.95 -3.02 1.86
CA ASP A 222 10.95 -3.94 2.41
C ASP A 222 11.67 -4.71 1.30
N TYR A 223 10.92 -5.44 0.47
CA TYR A 223 11.47 -6.21 -0.63
C TYR A 223 12.33 -5.37 -1.57
N LEU A 224 11.86 -4.15 -1.82
CA LEU A 224 12.54 -3.24 -2.73
C LEU A 224 13.91 -2.70 -2.32
N SER A 225 13.96 -2.22 -1.09
CA SER A 225 15.09 -1.44 -0.57
C SER A 225 16.32 -2.06 0.08
N ASP A 226 17.41 -1.32 -0.04
CA ASP A 226 18.71 -1.64 0.54
C ASP A 226 18.93 -0.63 1.65
N ILE A 227 18.38 0.56 1.44
CA ILE A 227 18.50 1.66 2.39
C ILE A 227 17.13 2.31 2.55
N ILE A 228 16.83 2.78 3.76
CA ILE A 228 15.55 3.39 4.07
C ILE A 228 15.70 4.75 4.75
N HIS A 229 14.81 5.69 4.40
CA HIS A 229 14.73 6.96 5.09
C HIS A 229 13.31 7.05 5.60
N VAL A 230 13.15 7.43 6.85
CA VAL A 230 11.82 7.63 7.41
C VAL A 230 11.62 9.15 7.33
N VAL A 231 10.44 9.56 6.91
CA VAL A 231 10.12 10.99 6.85
C VAL A 231 9.14 11.25 7.98
N TYR A 232 9.43 12.25 8.81
CA TYR A 232 8.55 12.55 9.94
C TYR A 232 8.29 14.04 10.09
N GLY A 233 7.21 14.38 10.79
CA GLY A 233 6.88 15.78 11.00
C GLY A 233 5.40 15.96 11.21
N GLU A 234 4.90 17.07 10.71
CA GLU A 234 3.50 17.43 10.87
C GLU A 234 2.94 17.66 9.48
N PRO A 235 2.13 16.71 8.97
CA PRO A 235 1.53 16.81 7.64
C PRO A 235 1.04 18.22 7.28
N GLY A 236 1.55 18.75 6.17
CA GLY A 236 1.13 20.07 5.72
C GLY A 236 1.87 21.24 6.33
N VAL A 237 2.62 21.01 7.42
CA VAL A 237 3.37 22.06 8.11
C VAL A 237 4.87 21.89 7.85
N TYR A 238 5.41 20.72 8.17
CA TYR A 238 6.82 20.50 7.90
C TYR A 238 7.13 19.00 7.88
N GLY A 239 8.22 18.66 7.20
CA GLY A 239 8.64 17.26 7.11
C GLY A 239 10.16 17.22 7.20
N ILE A 240 10.69 16.14 7.77
CA ILE A 240 12.12 15.97 7.95
C ILE A 240 12.52 14.56 7.53
N PHE A 241 13.59 14.46 6.75
CA PHE A 241 14.11 13.17 6.32
C PHE A 241 15.09 12.68 7.38
N SER A 242 14.96 11.41 7.77
CA SER A 242 15.89 10.84 8.73
C SER A 242 17.24 10.64 8.05
N GLN A 243 18.21 10.21 8.84
CA GLN A 243 19.52 9.85 8.31
C GLN A 243 19.24 8.50 7.58
N PRO A 244 20.12 8.09 6.64
CA PRO A 244 19.88 6.83 5.94
C PRO A 244 20.00 5.66 6.90
N LYS A 245 19.14 4.67 6.75
CA LYS A 245 19.15 3.50 7.63
C LYS A 245 19.16 2.21 6.84
N GLY A 246 19.65 1.14 7.46
CA GLY A 246 19.60 -0.16 6.79
C GLY A 246 18.09 -0.47 6.66
N THR A 247 17.70 -1.29 5.69
CA THR A 247 16.28 -1.61 5.48
C THR A 247 15.56 -2.13 6.71
N ARG A 248 16.14 -3.14 7.34
CA ARG A 248 15.50 -3.71 8.51
C ARG A 248 15.38 -2.71 9.67
N ASN A 249 16.50 -2.08 10.02
CA ASN A 249 16.52 -1.10 11.10
C ASN A 249 15.55 0.08 10.84
N GLY A 250 15.47 0.50 9.57
CA GLY A 250 14.59 1.61 9.25
C GLY A 250 13.12 1.26 9.39
N ILE A 251 12.72 0.10 8.89
CA ILE A 251 11.32 -0.27 8.98
C ILE A 251 10.97 -0.57 10.45
N ASN A 252 11.90 -1.18 11.17
CA ASN A 252 11.63 -1.48 12.58
C ASN A 252 11.53 -0.21 13.43
N GLU A 253 12.37 0.79 13.17
CA GLU A 253 12.27 2.02 13.93
C GLU A 253 10.94 2.69 13.57
N PHE A 254 10.52 2.54 12.33
CA PHE A 254 9.26 3.13 11.93
C PHE A 254 8.12 2.50 12.73
N LEU A 255 8.08 1.17 12.77
CA LEU A 255 7.02 0.49 13.50
C LEU A 255 7.06 0.88 14.98
N ARG A 256 8.27 1.01 15.53
CA ARG A 256 8.43 1.36 16.94
C ARG A 256 8.09 2.80 17.26
N GLY A 257 8.04 3.64 16.23
CA GLY A 257 7.71 5.05 16.42
C GLY A 257 8.86 5.86 16.98
N TYR A 258 10.08 5.34 16.91
CA TYR A 258 11.24 6.03 17.48
C TYR A 258 12.53 5.84 16.67
N LEU A 259 13.14 6.96 16.28
CA LEU A 259 14.39 6.95 15.52
C LEU A 259 15.56 7.17 16.50
N LYS A 260 16.24 6.08 16.86
CA LYS A 260 17.34 6.14 17.82
C LYS A 260 18.34 7.28 17.61
N ASP A 261 19.15 7.16 16.56
CA ASP A 261 20.15 8.19 16.31
C ASP A 261 19.61 9.60 16.34
N GLU A 262 18.51 9.85 15.64
CA GLU A 262 17.96 11.19 15.62
C GLU A 262 17.29 11.53 16.95
N ASN A 263 17.13 10.51 17.78
CA ASN A 263 16.49 10.64 19.08
C ASN A 263 15.12 11.30 18.95
N VAL A 264 14.34 10.83 17.99
CA VAL A 264 13.02 11.38 17.77
C VAL A 264 11.91 10.33 17.89
N ARG A 265 10.95 10.58 18.79
CA ARG A 265 9.82 9.67 18.96
C ARG A 265 8.66 10.34 18.24
N PHE A 266 8.36 9.89 17.02
CA PHE A 266 7.26 10.50 16.27
C PHE A 266 5.91 9.87 16.56
N ARG A 267 5.88 8.72 17.20
CA ARG A 267 4.60 8.10 17.59
C ARG A 267 4.73 7.75 19.07
N PRO A 268 3.69 8.04 19.87
CA PRO A 268 3.78 7.72 21.29
C PRO A 268 3.79 6.24 21.71
N TYR A 269 3.59 5.35 20.75
CA TYR A 269 3.60 3.91 21.02
C TYR A 269 4.17 3.12 19.85
N GLU A 270 4.45 1.85 20.10
CA GLU A 270 5.00 0.94 19.09
C GLU A 270 3.90 0.09 18.45
N ILE A 271 4.16 -0.36 17.24
CA ILE A 271 3.23 -1.26 16.56
C ILE A 271 4.04 -2.55 16.43
N LYS A 272 3.63 -3.59 17.14
CA LYS A 272 4.34 -4.87 17.11
C LYS A 272 3.47 -5.90 16.40
N PHE A 273 4.09 -6.78 15.62
CA PHE A 273 3.35 -7.81 14.89
C PHE A 273 3.37 -9.17 15.56
N THR A 274 4.09 -9.27 16.67
CA THR A 274 4.16 -10.53 17.39
C THR A 274 2.74 -10.87 17.83
N LYS A 275 2.19 -11.96 17.30
CA LYS A 275 0.84 -12.42 17.63
C LYS A 275 0.26 -13.22 16.47
N THR A 276 1.09 -14.08 15.87
CA THR A 276 0.67 -14.90 14.74
C THR A 276 0.60 -16.37 15.15
N GLY A 277 0.76 -16.63 16.45
CA GLY A 277 0.71 -18.00 16.94
C GLY A 277 -0.49 -18.26 17.83
N GLU A 278 -0.76 -17.33 18.74
CA GLU A 278 -1.87 -17.45 19.66
C GLU A 278 -3.20 -17.51 18.91
N ARG A 279 -3.23 -16.93 17.72
CA ARG A 279 -4.43 -16.91 16.89
C ARG A 279 -4.73 -18.28 16.27
N VAL A 280 -4.15 -19.32 16.85
CA VAL A 280 -4.37 -20.68 16.36
C VAL A 280 -4.71 -21.63 17.52
N GLU A 281 -4.28 -21.27 18.72
CA GLU A 281 -4.54 -22.08 19.90
C GLU A 281 -5.81 -21.61 20.62
N ILE A 282 -6.96 -21.95 20.03
CA ILE A 282 -8.27 -21.58 20.57
C ILE A 282 -9.37 -22.16 19.68
N GLU A 283 -10.20 -23.03 20.25
CA GLU A 283 -11.27 -23.68 19.50
C GLU A 283 -12.49 -22.79 19.34
N ARG A 284 -12.58 -22.09 18.22
CA ARG A 284 -13.71 -21.21 17.98
C ARG A 284 -14.90 -21.99 17.46
N GLU A 285 -16.10 -21.60 17.89
CA GLU A 285 -17.32 -22.24 17.40
C GLU A 285 -17.55 -21.76 15.96
N THR A 286 -18.35 -22.49 15.21
CA THR A 286 -18.67 -22.13 13.83
C THR A 286 -19.78 -21.08 13.85
N LEU A 287 -19.62 -20.04 13.04
CA LEU A 287 -20.64 -19.00 12.96
C LEU A 287 -21.66 -19.42 11.90
N VAL A 288 -21.19 -19.74 10.70
CA VAL A 288 -22.06 -20.14 9.61
C VAL A 288 -21.23 -20.86 8.58
N THR A 289 -21.89 -21.60 7.71
CA THR A 289 -21.17 -22.30 6.65
C THR A 289 -21.86 -21.81 5.40
N TYR A 290 -21.21 -21.97 4.26
CA TYR A 290 -21.81 -21.59 3.01
C TYR A 290 -21.41 -22.71 2.05
N PRO A 291 -22.31 -23.08 1.14
CA PRO A 291 -22.07 -24.15 0.17
C PRO A 291 -21.39 -23.65 -1.11
N ARG A 292 -21.25 -24.54 -2.08
CA ARG A 292 -20.69 -24.17 -3.36
C ARG A 292 -21.58 -23.08 -3.93
N LEU A 293 -20.97 -21.99 -4.41
CA LEU A 293 -21.72 -20.90 -5.03
C LEU A 293 -21.10 -20.63 -6.38
N VAL A 294 -21.92 -20.20 -7.33
CA VAL A 294 -21.38 -19.87 -8.65
C VAL A 294 -21.96 -18.51 -9.03
N LYS A 295 -21.13 -17.60 -9.52
CA LYS A 295 -21.69 -16.34 -9.99
C LYS A 295 -21.20 -16.13 -11.42
N ASP A 296 -22.14 -16.02 -12.35
CA ASP A 296 -21.81 -15.82 -13.75
C ASP A 296 -22.08 -14.38 -14.18
N TYR A 297 -21.12 -13.75 -14.85
CA TYR A 297 -21.33 -12.40 -15.40
C TYR A 297 -20.92 -12.57 -16.86
N GLY A 298 -21.88 -12.93 -17.71
CA GLY A 298 -21.54 -13.12 -19.12
C GLY A 298 -20.45 -14.18 -19.26
N SER A 299 -19.32 -13.81 -19.85
CA SER A 299 -18.22 -14.74 -20.08
C SER A 299 -17.38 -15.02 -18.82
N PHE A 300 -17.55 -14.21 -17.78
CA PHE A 300 -16.81 -14.42 -16.53
C PHE A 300 -17.57 -15.32 -15.54
N ARG A 301 -16.86 -16.25 -14.93
CA ARG A 301 -17.47 -17.11 -13.93
C ARG A 301 -16.66 -17.27 -12.66
N LEU A 302 -17.30 -17.05 -11.51
CA LEU A 302 -16.66 -17.26 -10.21
C LEU A 302 -17.25 -18.53 -9.56
N GLU A 303 -16.40 -19.44 -9.14
CA GLU A 303 -16.84 -20.63 -8.45
C GLU A 303 -16.31 -20.52 -7.01
N VAL A 304 -17.20 -20.62 -6.04
CA VAL A 304 -16.81 -20.54 -4.62
C VAL A 304 -16.91 -21.93 -4.01
N GLU A 305 -15.81 -22.43 -3.46
CA GLU A 305 -15.83 -23.75 -2.82
C GLU A 305 -16.51 -23.62 -1.46
N PRO A 306 -17.24 -24.68 -1.02
CA PRO A 306 -17.91 -24.64 0.27
C PRO A 306 -16.91 -24.21 1.36
N GLY A 307 -17.37 -23.42 2.33
CA GLY A 307 -16.44 -22.97 3.36
C GLY A 307 -17.16 -22.80 4.68
N GLU A 308 -16.37 -22.54 5.71
CA GLU A 308 -16.90 -22.35 7.04
C GLU A 308 -16.26 -21.09 7.60
N ILE A 309 -17.06 -20.32 8.33
CA ILE A 309 -16.63 -19.08 8.96
C ILE A 309 -16.81 -19.25 10.49
N LYS A 310 -15.75 -19.03 11.24
CA LYS A 310 -15.78 -19.19 12.70
C LYS A 310 -16.19 -17.94 13.46
N LYS A 311 -16.82 -18.12 14.61
CA LYS A 311 -17.21 -16.98 15.42
C LYS A 311 -15.92 -16.40 16.01
N GLY A 312 -15.79 -15.07 15.96
CA GLY A 312 -14.65 -14.38 16.53
C GLY A 312 -13.30 -14.49 15.81
N GLU A 313 -13.32 -14.63 14.50
CA GLU A 313 -12.07 -14.72 13.75
C GLU A 313 -12.07 -13.66 12.65
N VAL A 314 -10.88 -13.42 12.08
CA VAL A 314 -10.77 -12.51 10.96
C VAL A 314 -10.17 -13.32 9.81
N ILE A 315 -10.85 -13.35 8.67
CA ILE A 315 -10.35 -14.05 7.51
C ILE A 315 -9.87 -13.01 6.51
N GLY A 316 -8.59 -13.09 6.15
CA GLY A 316 -8.07 -12.19 5.16
C GLY A 316 -8.32 -12.85 3.81
N ILE A 317 -8.58 -12.04 2.79
CA ILE A 317 -8.87 -12.54 1.45
C ILE A 317 -7.87 -11.90 0.48
N VAL A 318 -7.11 -12.74 -0.24
CA VAL A 318 -6.10 -12.24 -1.16
C VAL A 318 -6.22 -12.82 -2.55
N GLY A 319 -5.71 -12.08 -3.52
CA GLY A 319 -5.74 -12.60 -4.88
C GLY A 319 -5.64 -11.48 -5.87
N PRO A 320 -5.16 -11.77 -7.10
CA PRO A 320 -5.07 -10.68 -8.08
C PRO A 320 -6.48 -10.16 -8.37
N ASN A 321 -6.58 -8.98 -8.96
CA ASN A 321 -7.89 -8.42 -9.28
C ASN A 321 -8.53 -9.01 -10.55
N GLY A 322 -9.85 -8.84 -10.64
CA GLY A 322 -10.63 -9.30 -11.78
C GLY A 322 -10.95 -10.78 -11.66
N ILE A 323 -10.82 -11.28 -10.45
CA ILE A 323 -10.95 -12.72 -10.13
C ILE A 323 -12.18 -13.06 -9.30
N GLY A 324 -12.87 -12.03 -8.79
CA GLY A 324 -14.08 -12.26 -8.01
C GLY A 324 -14.11 -12.01 -6.50
N LYS A 325 -13.09 -11.37 -5.94
CA LYS A 325 -13.10 -11.12 -4.50
C LYS A 325 -14.29 -10.24 -4.12
N THR A 326 -14.46 -9.13 -4.83
CA THR A 326 -15.58 -8.26 -4.54
C THR A 326 -16.92 -8.97 -4.78
N THR A 327 -17.00 -9.76 -5.85
CA THR A 327 -18.23 -10.50 -6.13
C THR A 327 -18.60 -11.41 -4.96
N PHE A 328 -17.60 -12.08 -4.39
CA PHE A 328 -17.82 -12.96 -3.22
C PHE A 328 -18.30 -12.13 -2.01
N VAL A 329 -17.64 -11.01 -1.76
CA VAL A 329 -18.03 -10.16 -0.62
C VAL A 329 -19.46 -9.67 -0.79
N LYS A 330 -19.80 -9.24 -1.99
CA LYS A 330 -21.15 -8.77 -2.29
C LYS A 330 -22.24 -9.84 -2.07
N MSE A 331 -21.92 -11.10 -2.36
CA MSE A 331 -22.89 -12.16 -2.12
C MSE A 331 -23.07 -12.34 -0.61
O MSE A 331 -24.20 -12.50 -0.10
CB MSE A 331 -22.41 -13.46 -2.78
CG MSE A 331 -22.55 -13.41 -4.29
SE MSE A 331 -22.25 -15.11 -5.26
CE MSE A 331 -20.31 -15.42 -4.90
N LEU A 332 -21.97 -12.27 0.13
CA LEU A 332 -22.04 -12.40 1.59
C LEU A 332 -22.80 -11.19 2.16
N ALA A 333 -22.59 -10.00 1.57
CA ALA A 333 -23.28 -8.82 2.07
C ALA A 333 -24.77 -8.79 1.67
N GLY A 334 -25.15 -9.68 0.76
CA GLY A 334 -26.53 -9.72 0.31
C GLY A 334 -26.82 -8.68 -0.75
N VAL A 335 -25.79 -8.09 -1.35
CA VAL A 335 -26.02 -7.08 -2.37
C VAL A 335 -26.04 -7.69 -3.75
N GLU A 336 -25.55 -8.93 -3.86
CA GLU A 336 -25.50 -9.63 -5.14
C GLU A 336 -26.02 -11.03 -4.88
N GLU A 337 -26.74 -11.58 -5.83
CA GLU A 337 -27.30 -12.93 -5.70
C GLU A 337 -26.48 -13.96 -6.44
N PRO A 338 -26.25 -15.13 -5.86
CA PRO A 338 -25.47 -16.16 -6.55
C PRO A 338 -26.28 -16.62 -7.77
N THR A 339 -25.60 -17.08 -8.83
CA THR A 339 -26.30 -17.62 -9.99
C THR A 339 -26.76 -19.04 -9.60
N GLU A 340 -25.89 -19.77 -8.92
CA GLU A 340 -26.24 -21.12 -8.43
C GLU A 340 -25.76 -21.18 -6.98
N GLY A 341 -26.51 -21.93 -6.16
CA GLY A 341 -26.16 -22.07 -4.76
C GLY A 341 -26.99 -21.09 -3.99
N LYS A 342 -27.22 -21.37 -2.70
CA LYS A 342 -28.02 -20.48 -1.88
C LYS A 342 -27.45 -20.32 -0.48
N ILE A 343 -27.30 -19.07 -0.06
CA ILE A 343 -26.80 -18.80 1.26
C ILE A 343 -28.02 -18.74 2.16
N GLU A 344 -27.97 -19.45 3.28
CA GLU A 344 -29.10 -19.46 4.21
C GLU A 344 -28.63 -19.03 5.58
N TRP A 345 -28.50 -17.72 5.73
CA TRP A 345 -28.04 -17.14 6.97
C TRP A 345 -29.12 -16.25 7.53
N ASP A 346 -29.04 -16.07 8.85
CA ASP A 346 -29.91 -15.20 9.60
C ASP A 346 -28.89 -14.36 10.38
N LEU A 347 -28.02 -13.64 9.65
CA LEU A 347 -26.99 -12.80 10.27
C LEU A 347 -27.08 -11.39 9.78
N THR A 348 -26.64 -10.45 10.60
CA THR A 348 -26.61 -9.07 10.18
C THR A 348 -25.16 -8.84 9.74
N VAL A 349 -25.03 -8.10 8.65
CA VAL A 349 -23.73 -7.86 8.08
C VAL A 349 -23.49 -6.36 7.95
N ALA A 350 -22.26 -5.93 8.23
CA ALA A 350 -21.87 -4.54 8.07
C ALA A 350 -20.88 -4.64 6.90
N TYR A 351 -20.98 -3.70 5.95
CA TYR A 351 -20.17 -3.80 4.74
C TYR A 351 -19.47 -2.49 4.33
N LYS A 352 -18.15 -2.55 4.16
CA LYS A 352 -17.36 -1.38 3.74
C LYS A 352 -16.95 -1.69 2.30
N PRO A 353 -17.66 -1.10 1.31
CA PRO A 353 -17.34 -1.37 -0.09
C PRO A 353 -16.01 -0.86 -0.61
N GLN A 354 -15.51 -1.53 -1.65
CA GLN A 354 -14.24 -1.17 -2.26
C GLN A 354 -14.27 0.24 -2.86
N TYR A 355 -15.37 0.58 -3.56
CA TYR A 355 -15.44 1.93 -4.14
C TYR A 355 -16.55 2.67 -3.44
N ILE A 356 -16.19 3.74 -2.75
CA ILE A 356 -17.16 4.53 -2.00
C ILE A 356 -17.41 5.85 -2.66
N LYS A 357 -18.68 6.21 -2.68
CA LYS A 357 -19.16 7.45 -3.27
C LYS A 357 -19.85 8.22 -2.12
N ALA A 358 -19.29 9.34 -1.70
CA ALA A 358 -19.94 10.11 -0.65
C ALA A 358 -21.26 10.66 -1.19
N ASP A 359 -22.32 10.42 -0.44
CA ASP A 359 -23.63 10.92 -0.80
C ASP A 359 -24.43 11.01 0.50
N TYR A 360 -24.09 12.00 1.31
CA TYR A 360 -24.77 12.22 2.59
C TYR A 360 -24.65 13.70 2.88
N GLU A 361 -25.78 14.39 2.95
CA GLU A 361 -25.75 15.82 3.23
C GLU A 361 -25.70 16.00 4.74
N GLY A 362 -24.49 16.07 5.27
CA GLY A 362 -24.32 16.25 6.70
C GLY A 362 -22.85 16.07 7.02
N THR A 363 -22.52 16.31 8.27
CA THR A 363 -21.15 16.18 8.69
C THR A 363 -20.84 14.75 9.06
N VAL A 364 -19.54 14.46 9.18
CA VAL A 364 -19.08 13.15 9.59
C VAL A 364 -19.69 12.83 10.99
N TYR A 365 -19.65 13.80 11.89
CA TYR A 365 -20.23 13.57 13.23
C TYR A 365 -21.73 13.19 13.14
N GLU A 366 -22.50 13.87 12.31
CA GLU A 366 -23.93 13.54 12.18
C GLU A 366 -24.10 12.12 11.64
N LEU A 367 -23.33 11.79 10.61
CA LEU A 367 -23.39 10.44 10.04
C LEU A 367 -23.06 9.37 11.07
N LEU A 368 -21.92 9.48 11.74
CA LEU A 368 -21.51 8.48 12.72
C LEU A 368 -22.33 8.48 14.00
N SER A 369 -22.77 9.64 14.47
CA SER A 369 -23.57 9.65 15.71
C SER A 369 -24.91 8.99 15.46
N LYS A 370 -25.38 9.00 14.21
CA LYS A 370 -26.64 8.35 13.91
C LYS A 370 -26.51 6.83 13.81
N ILE A 371 -25.30 6.32 13.66
CA ILE A 371 -25.08 4.89 13.57
C ILE A 371 -25.04 4.37 15.01
N ASP A 372 -24.14 4.92 15.83
CA ASP A 372 -24.09 4.52 17.23
C ASP A 372 -23.45 5.59 18.10
N ALA A 373 -24.28 6.49 18.63
CA ALA A 373 -23.75 7.56 19.47
C ALA A 373 -23.10 7.05 20.77
N SER A 374 -23.60 5.93 21.31
CA SER A 374 -23.02 5.40 22.54
C SER A 374 -21.56 4.99 22.32
N LYS A 375 -21.24 4.50 21.13
CA LYS A 375 -19.84 4.13 20.85
C LYS A 375 -18.92 5.36 20.69
N LEU A 376 -19.46 6.46 20.14
CA LEU A 376 -18.67 7.68 19.98
C LEU A 376 -18.28 8.25 21.32
N ASN A 377 -19.13 8.01 22.31
CA ASN A 377 -18.83 8.52 23.62
C ASN A 377 -18.10 7.50 24.46
N SER A 378 -17.73 6.37 23.85
CA SER A 378 -17.01 5.29 24.53
C SER A 378 -15.49 5.47 24.55
N ASN A 379 -14.89 5.33 25.72
CA ASN A 379 -13.44 5.47 25.84
C ASN A 379 -12.70 4.44 24.99
N PHE A 380 -13.21 3.23 24.92
CA PHE A 380 -12.52 2.21 24.12
C PHE A 380 -12.53 2.61 22.63
N TYR A 381 -13.68 3.01 22.12
CA TYR A 381 -13.77 3.36 20.70
C TYR A 381 -13.00 4.62 20.35
N LYS A 382 -12.93 5.58 21.28
CA LYS A 382 -12.18 6.78 20.98
C LYS A 382 -10.69 6.44 20.89
N THR A 383 -10.22 5.63 21.85
CA THR A 383 -8.81 5.24 21.88
C THR A 383 -8.36 4.31 20.74
N GLU A 384 -9.17 3.29 20.44
CA GLU A 384 -8.82 2.30 19.44
C GLU A 384 -9.32 2.50 18.00
N LEU A 385 -10.26 3.42 17.80
CA LEU A 385 -10.78 3.64 16.45
C LEU A 385 -10.82 5.12 16.05
N LEU A 386 -11.59 5.93 16.78
CA LEU A 386 -11.77 7.34 16.40
C LEU A 386 -10.51 8.20 16.38
N LYS A 387 -9.72 8.19 17.45
CA LYS A 387 -8.48 8.97 17.44
C LYS A 387 -7.40 8.47 16.45
N PRO A 388 -7.06 7.19 16.48
CA PRO A 388 -6.01 6.67 15.56
C PRO A 388 -6.32 6.84 14.06
N LEU A 389 -7.59 6.78 13.68
CA LEU A 389 -7.97 6.95 12.28
C LEU A 389 -8.19 8.42 11.92
N GLY A 390 -7.99 9.31 12.90
CA GLY A 390 -8.17 10.74 12.66
C GLY A 390 -9.64 11.14 12.45
N ILE A 391 -10.57 10.35 12.96
CA ILE A 391 -11.99 10.64 12.75
C ILE A 391 -12.47 11.88 13.51
N ILE A 392 -12.00 12.03 14.75
CA ILE A 392 -12.43 13.19 15.55
C ILE A 392 -12.05 14.49 14.86
N ASP A 393 -10.91 14.54 14.18
CA ASP A 393 -10.55 15.75 13.47
C ASP A 393 -11.39 15.98 12.21
N LEU A 394 -12.13 14.97 11.77
CA LEU A 394 -12.98 15.12 10.60
C LEU A 394 -14.43 15.34 10.99
N TYR A 395 -14.74 15.28 12.29
CA TYR A 395 -16.15 15.43 12.74
C TYR A 395 -16.94 16.57 12.13
N ASP A 396 -16.33 17.77 12.03
CA ASP A 396 -17.05 18.92 11.46
C ASP A 396 -17.04 18.99 9.96
N ARG A 397 -16.40 18.04 9.29
CA ARG A 397 -16.34 18.05 7.83
C ARG A 397 -17.60 17.52 7.17
N GLU A 398 -17.97 18.11 6.02
CA GLU A 398 -19.12 17.64 5.27
C GLU A 398 -18.67 16.34 4.60
N VAL A 399 -19.47 15.29 4.70
CA VAL A 399 -19.13 14.01 4.09
C VAL A 399 -18.88 14.11 2.58
N ASN A 400 -19.73 14.86 1.89
CA ASN A 400 -19.57 15.01 0.44
C ASN A 400 -18.27 15.75 0.01
N GLU A 401 -17.57 16.39 0.93
CA GLU A 401 -16.36 17.07 0.57
C GLU A 401 -15.08 16.30 0.98
N LEU A 402 -15.23 15.07 1.48
CA LEU A 402 -14.06 14.29 1.90
C LEU A 402 -13.22 13.79 0.73
N SER A 403 -11.90 13.78 0.90
CA SER A 403 -11.01 13.27 -0.14
C SER A 403 -11.12 11.74 -0.11
N GLY A 404 -10.49 11.07 -1.07
CA GLY A 404 -10.52 9.61 -1.10
C GLY A 404 -10.02 8.96 0.19
N GLY A 405 -8.89 9.45 0.71
CA GLY A 405 -8.33 8.90 1.94
C GLY A 405 -9.14 9.18 3.21
N GLU A 406 -9.76 10.36 3.24
CA GLU A 406 -10.63 10.74 4.37
C GLU A 406 -11.91 9.89 4.33
N LEU A 407 -12.50 9.77 3.14
CA LEU A 407 -13.72 8.99 2.97
C LEU A 407 -13.44 7.53 3.33
N GLN A 408 -12.28 7.02 2.93
CA GLN A 408 -11.93 5.63 3.28
C GLN A 408 -11.96 5.45 4.81
N ARG A 409 -11.31 6.37 5.54
CA ARG A 409 -11.25 6.23 6.99
C ARG A 409 -12.64 6.34 7.63
N VAL A 410 -13.43 7.28 7.14
CA VAL A 410 -14.76 7.46 7.68
C VAL A 410 -15.63 6.24 7.37
N ALA A 411 -15.51 5.66 6.18
CA ALA A 411 -16.34 4.50 5.87
C ALA A 411 -15.92 3.29 6.71
N ILE A 412 -14.61 3.14 6.94
CA ILE A 412 -14.11 2.04 7.79
C ILE A 412 -14.69 2.25 9.22
N ALA A 413 -14.59 3.47 9.74
CA ALA A 413 -15.15 3.72 11.08
C ALA A 413 -16.66 3.48 11.11
N ALA A 414 -17.38 3.94 10.08
CA ALA A 414 -18.84 3.77 10.01
C ALA A 414 -19.19 2.29 10.06
N THR A 415 -18.40 1.49 9.35
CA THR A 415 -18.62 0.05 9.31
C THR A 415 -18.32 -0.60 10.66
N LEU A 416 -17.20 -0.22 11.30
CA LEU A 416 -16.85 -0.83 12.57
C LEU A 416 -17.72 -0.36 13.75
N LEU A 417 -18.45 0.74 13.57
CA LEU A 417 -19.35 1.27 14.58
C LEU A 417 -20.70 0.61 14.55
N ARG A 418 -20.98 -0.13 13.48
CA ARG A 418 -22.25 -0.83 13.40
C ARG A 418 -22.25 -2.05 14.28
N ASP A 419 -23.45 -2.51 14.61
CA ASP A 419 -23.59 -3.69 15.44
C ASP A 419 -23.97 -4.81 14.46
N ALA A 420 -23.08 -5.79 14.31
CA ALA A 420 -23.37 -6.85 13.34
C ALA A 420 -22.66 -8.14 13.73
N ASP A 421 -23.04 -9.23 13.07
CA ASP A 421 -22.43 -10.54 13.30
C ASP A 421 -21.16 -10.67 12.49
N ILE A 422 -21.18 -10.06 11.31
CA ILE A 422 -20.01 -10.13 10.47
C ILE A 422 -19.72 -8.78 9.83
N TYR A 423 -18.43 -8.43 9.79
CA TYR A 423 -18.00 -7.16 9.17
C TYR A 423 -17.19 -7.50 7.91
N LEU A 424 -17.56 -6.87 6.79
CA LEU A 424 -16.87 -7.15 5.52
C LEU A 424 -16.18 -5.86 5.09
N LEU A 425 -14.86 -5.88 4.92
CA LEU A 425 -14.14 -4.69 4.51
C LEU A 425 -13.42 -5.03 3.23
N ASP A 426 -13.86 -4.42 2.13
CA ASP A 426 -13.26 -4.69 0.81
C ASP A 426 -12.18 -3.62 0.53
N GLU A 427 -10.91 -4.03 0.56
CA GLU A 427 -9.75 -3.15 0.32
C GLU A 427 -9.67 -1.83 1.12
N PRO A 428 -9.65 -1.92 2.46
CA PRO A 428 -9.56 -0.72 3.32
C PRO A 428 -8.26 0.07 3.16
N SER A 429 -7.19 -0.54 2.65
CA SER A 429 -5.91 0.22 2.51
C SER A 429 -5.83 1.20 1.35
N ALA A 430 -6.73 1.09 0.36
CA ALA A 430 -6.66 2.00 -0.79
C ALA A 430 -6.78 3.48 -0.34
N TYR A 431 -5.93 4.34 -0.94
CA TYR A 431 -5.88 5.78 -0.62
C TYR A 431 -5.29 6.12 0.74
N LEU A 432 -4.88 5.14 1.52
CA LEU A 432 -4.32 5.43 2.83
C LEU A 432 -2.78 5.48 2.82
N ASP A 433 -2.20 6.35 3.66
CA ASP A 433 -0.75 6.39 3.73
C ASP A 433 -0.30 5.32 4.70
N VAL A 434 1.02 5.12 4.81
CA VAL A 434 1.54 4.07 5.64
C VAL A 434 1.12 4.12 7.10
N GLU A 435 1.05 5.31 7.68
CA GLU A 435 0.67 5.44 9.09
C GLU A 435 -0.81 5.12 9.27
N GLN A 436 -1.66 5.60 8.35
CA GLN A 436 -3.11 5.32 8.43
C GLN A 436 -3.39 3.82 8.28
N ARG A 437 -2.62 3.16 7.41
CA ARG A 437 -2.79 1.70 7.24
C ARG A 437 -2.54 0.96 8.57
N LEU A 438 -1.45 1.33 9.24
CA LEU A 438 -1.14 0.68 10.53
C LEU A 438 -2.25 0.98 11.54
N ALA A 439 -2.81 2.19 11.50
CA ALA A 439 -3.89 2.53 12.43
C ALA A 439 -5.14 1.69 12.12
N VAL A 440 -5.44 1.49 10.83
CA VAL A 440 -6.57 0.68 10.46
C VAL A 440 -6.33 -0.78 10.83
N SER A 441 -5.11 -1.29 10.65
CA SER A 441 -4.83 -2.69 11.02
C SER A 441 -5.10 -2.91 12.51
N ARG A 442 -4.69 -1.97 13.34
CA ARG A 442 -4.88 -2.10 14.78
C ARG A 442 -6.34 -1.98 15.16
N ALA A 443 -7.04 -1.05 14.51
CA ALA A 443 -8.44 -0.81 14.79
C ALA A 443 -9.25 -2.08 14.50
N ILE A 444 -9.04 -2.67 13.33
CA ILE A 444 -9.80 -3.86 12.98
C ILE A 444 -9.54 -4.97 14.00
N ARG A 445 -8.28 -5.21 14.29
CA ARG A 445 -7.93 -6.27 15.21
C ARG A 445 -8.49 -6.03 16.60
N HIS A 446 -8.22 -4.87 17.17
CA HIS A 446 -8.70 -4.57 18.51
C HIS A 446 -10.24 -4.55 18.66
N LEU A 447 -10.94 -4.00 17.67
CA LEU A 447 -12.40 -3.95 17.76
C LEU A 447 -13.03 -5.32 17.57
N MSE A 448 -12.46 -6.13 16.70
CA MSE A 448 -13.03 -7.47 16.51
C MSE A 448 -12.78 -8.33 17.77
O MSE A 448 -13.62 -9.13 18.14
CB MSE A 448 -12.45 -8.14 15.27
CG MSE A 448 -12.83 -7.42 13.98
SE MSE A 448 -14.76 -7.28 13.72
CE MSE A 448 -14.97 -5.43 14.13
N GLU A 449 -11.63 -8.14 18.41
CA GLU A 449 -11.31 -8.89 19.63
C GLU A 449 -12.24 -8.45 20.76
N LYS A 450 -12.49 -7.14 20.83
CA LYS A 450 -13.35 -6.55 21.83
C LYS A 450 -14.77 -7.05 21.67
N ASN A 451 -15.34 -6.84 20.48
CA ASN A 451 -16.72 -7.24 20.25
C ASN A 451 -16.98 -8.73 19.99
N GLU A 452 -15.90 -9.53 19.92
CA GLU A 452 -15.99 -10.97 19.68
C GLU A 452 -16.81 -11.29 18.44
N LYS A 453 -16.72 -10.47 17.41
CA LYS A 453 -17.47 -10.74 16.20
C LYS A 453 -16.51 -11.30 15.15
N THR A 454 -16.97 -11.35 13.90
CA THR A 454 -16.15 -11.92 12.82
C THR A 454 -16.01 -10.96 11.66
N ALA A 455 -14.86 -10.96 11.00
CA ALA A 455 -14.70 -10.07 9.84
C ALA A 455 -13.98 -10.78 8.71
N LEU A 456 -14.23 -10.32 7.49
CA LEU A 456 -13.52 -10.83 6.33
C LEU A 456 -12.96 -9.55 5.72
N VAL A 457 -11.67 -9.57 5.41
CA VAL A 457 -11.00 -8.40 4.87
C VAL A 457 -10.25 -8.70 3.59
N VAL A 458 -10.67 -8.07 2.48
CA VAL A 458 -9.93 -8.24 1.21
C VAL A 458 -8.83 -7.19 1.25
N GLU A 459 -7.58 -7.59 1.06
CA GLU A 459 -6.47 -6.65 1.11
C GLU A 459 -5.32 -7.08 0.22
N HIS A 460 -4.61 -6.09 -0.32
CA HIS A 460 -3.46 -6.35 -1.19
C HIS A 460 -2.16 -5.99 -0.44
N ASP A 461 -2.31 -5.38 0.73
CA ASP A 461 -1.16 -4.95 1.56
C ASP A 461 -0.81 -6.13 2.48
N VAL A 462 0.34 -6.75 2.22
CA VAL A 462 0.73 -7.92 2.99
C VAL A 462 0.81 -7.70 4.51
N LEU A 463 1.42 -6.62 4.98
CA LEU A 463 1.49 -6.43 6.42
C LEU A 463 0.10 -6.22 7.05
N MSE A 464 -0.86 -5.68 6.30
CA MSE A 464 -2.18 -5.53 6.87
C MSE A 464 -2.80 -6.92 6.97
O MSE A 464 -3.40 -7.28 7.99
CB MSE A 464 -3.10 -4.62 6.03
CG MSE A 464 -4.50 -4.45 6.70
SE MSE A 464 -5.60 -2.96 5.91
CE MSE A 464 -4.23 -1.59 5.83
N ILE A 465 -2.68 -7.73 5.91
CA ILE A 465 -3.21 -9.10 5.95
C ILE A 465 -2.61 -9.83 7.17
N ASP A 466 -1.28 -9.79 7.28
CA ASP A 466 -0.59 -10.44 8.37
C ASP A 466 -1.08 -10.01 9.75
N TYR A 467 -1.17 -8.71 9.95
CA TYR A 467 -1.60 -8.19 11.23
C TYR A 467 -3.03 -8.56 11.59
N VAL A 468 -3.95 -8.48 10.63
CA VAL A 468 -5.34 -8.70 11.01
C VAL A 468 -5.89 -10.10 10.94
N SER A 469 -5.31 -10.94 10.10
CA SER A 469 -5.88 -12.26 9.83
C SER A 469 -5.57 -13.44 10.74
N ASP A 470 -6.57 -14.28 10.96
CA ASP A 470 -6.42 -15.51 11.73
C ASP A 470 -6.33 -16.64 10.67
N ARG A 471 -7.12 -16.50 9.61
CA ARG A 471 -7.13 -17.46 8.52
C ARG A 471 -7.13 -16.72 7.17
N LEU A 472 -6.89 -17.46 6.09
CA LEU A 472 -6.80 -16.84 4.77
C LEU A 472 -7.59 -17.57 3.69
N MSE A 473 -8.20 -16.79 2.78
CA MSE A 473 -8.90 -17.35 1.65
C MSE A 473 -8.11 -16.83 0.48
O MSE A 473 -7.82 -15.63 0.39
CB MSE A 473 -10.33 -16.79 1.52
CG MSE A 473 -11.31 -17.45 2.40
SE MSE A 473 -13.04 -16.70 1.95
CE MSE A 473 -13.08 -17.03 0.11
N VAL A 474 -7.73 -17.72 -0.43
CA VAL A 474 -6.97 -17.33 -1.61
C VAL A 474 -7.88 -17.50 -2.85
N PHE A 475 -7.88 -16.49 -3.73
CA PHE A 475 -8.64 -16.55 -4.97
C PHE A 475 -7.60 -16.77 -6.07
N GLU A 476 -7.97 -17.62 -7.01
CA GLU A 476 -7.09 -17.95 -8.14
C GLU A 476 -7.93 -17.94 -9.41
N GLY A 477 -7.28 -17.68 -10.53
CA GLY A 477 -8.01 -17.70 -11.78
C GLY A 477 -7.33 -16.86 -12.84
N GLU A 478 -8.11 -16.53 -13.85
CA GLU A 478 -7.65 -15.69 -14.93
C GLU A 478 -8.56 -14.49 -14.92
N PRO A 479 -8.00 -13.32 -14.57
CA PRO A 479 -8.69 -12.04 -14.49
C PRO A 479 -9.64 -11.85 -15.64
N GLY A 480 -10.89 -11.56 -15.34
CA GLY A 480 -11.86 -11.35 -16.39
C GLY A 480 -12.45 -12.60 -17.01
N LYS A 481 -11.83 -13.74 -16.82
CA LYS A 481 -12.34 -14.98 -17.40
C LYS A 481 -12.98 -15.88 -16.35
N TYR A 482 -12.22 -16.29 -15.36
CA TYR A 482 -12.77 -17.13 -14.29
C TYR A 482 -12.03 -16.99 -12.99
N GLY A 483 -12.72 -17.27 -11.89
CA GLY A 483 -12.09 -17.16 -10.59
C GLY A 483 -12.54 -18.32 -9.71
N ARG A 484 -11.74 -18.63 -8.72
CA ARG A 484 -12.06 -19.70 -7.80
C ARG A 484 -11.69 -19.26 -6.38
N ALA A 485 -12.67 -19.27 -5.49
CA ALA A 485 -12.46 -18.92 -4.09
C ALA A 485 -12.23 -20.20 -3.31
N LEU A 486 -11.00 -20.40 -2.86
CA LEU A 486 -10.65 -21.57 -2.09
C LEU A 486 -11.23 -21.36 -0.69
N PRO A 487 -11.51 -22.44 0.05
CA PRO A 487 -12.07 -22.26 1.40
C PRO A 487 -11.03 -21.66 2.35
N PRO A 488 -11.48 -21.03 3.42
CA PRO A 488 -10.58 -20.43 4.40
C PRO A 488 -9.64 -21.50 4.96
N MSE A 489 -8.33 -21.22 4.97
CA MSE A 489 -7.31 -22.15 5.50
C MSE A 489 -6.31 -21.39 6.43
O MSE A 489 -6.44 -20.18 6.60
CB MSE A 489 -6.56 -22.86 4.34
CG MSE A 489 -6.25 -21.96 3.12
SE MSE A 489 -5.42 -22.79 1.47
CE MSE A 489 -7.00 -23.65 0.71
N GLY A 490 -5.34 -22.09 7.02
CA GLY A 490 -4.37 -21.41 7.86
C GLY A 490 -3.49 -20.40 7.11
N MSE A 491 -2.91 -19.45 7.83
CA MSE A 491 -2.05 -18.40 7.22
C MSE A 491 -0.93 -18.97 6.39
O MSE A 491 -0.69 -18.55 5.25
CB MSE A 491 -1.43 -17.54 8.31
CG MSE A 491 -2.41 -16.79 9.16
SE MSE A 491 -3.52 -15.75 7.98
CE MSE A 491 -2.11 -14.67 7.21
N ARG A 492 -0.22 -19.93 6.97
CA ARG A 492 0.91 -20.53 6.32
C ARG A 492 0.55 -21.21 5.03
N GLU A 493 -0.49 -22.03 5.06
CA GLU A 493 -0.95 -22.74 3.86
C GLU A 493 -1.41 -21.76 2.77
N GLY A 494 -2.17 -20.74 3.17
CA GLY A 494 -2.66 -19.79 2.18
C GLY A 494 -1.57 -18.96 1.58
N MSE A 495 -0.70 -18.39 2.42
CA MSE A 495 0.38 -17.57 1.87
C MSE A 495 1.33 -18.42 1.02
O MSE A 495 1.83 -17.97 0.00
CB MSE A 495 1.13 -16.83 2.98
CG MSE A 495 0.33 -15.69 3.64
SE MSE A 495 -0.31 -14.33 2.33
CE MSE A 495 1.40 -13.69 1.71
N ASN A 496 1.58 -19.67 1.43
CA ASN A 496 2.45 -20.54 0.63
C ASN A 496 1.80 -20.75 -0.73
N ARG A 497 0.48 -20.87 -0.76
CA ARG A 497 -0.17 -21.10 -2.02
C ARG A 497 -0.06 -19.88 -2.90
N PHE A 498 -0.30 -18.70 -2.32
CA PHE A 498 -0.19 -17.49 -3.14
C PHE A 498 1.23 -17.15 -3.56
N LEU A 499 2.14 -17.11 -2.60
CA LEU A 499 3.53 -16.74 -2.91
C LEU A 499 4.29 -17.63 -3.89
N ALA A 500 3.93 -18.91 -3.95
CA ALA A 500 4.57 -19.82 -4.90
C ALA A 500 4.29 -19.27 -6.30
N SER A 501 3.13 -18.65 -6.48
CA SER A 501 2.77 -18.05 -7.78
C SER A 501 3.60 -16.82 -8.13
N ILE A 502 4.27 -16.24 -7.13
CA ILE A 502 5.07 -15.04 -7.36
C ILE A 502 6.58 -15.21 -7.16
N GLY A 503 7.00 -16.28 -6.48
CA GLY A 503 8.41 -16.47 -6.27
C GLY A 503 9.06 -15.53 -5.27
N ILE A 504 8.31 -15.09 -4.26
CA ILE A 504 8.88 -14.22 -3.22
C ILE A 504 8.69 -14.92 -1.88
N THR A 505 9.67 -14.84 -0.98
CA THR A 505 9.51 -15.51 0.30
C THR A 505 9.67 -14.51 1.41
N PHE A 506 9.00 -14.78 2.52
CA PHE A 506 9.06 -13.94 3.71
C PHE A 506 9.45 -14.78 4.93
N ARG A 507 10.30 -14.24 5.77
CA ARG A 507 10.63 -14.94 6.99
C ARG A 507 10.09 -13.96 8.02
N ARG A 508 10.46 -14.15 9.28
CA ARG A 508 9.98 -13.31 10.35
C ARG A 508 11.09 -12.43 10.91
N ASP A 509 10.73 -11.23 11.37
CA ASP A 509 11.71 -10.36 12.00
C ASP A 509 11.36 -10.36 13.50
N PRO A 510 12.23 -10.93 14.33
CA PRO A 510 12.07 -11.04 15.78
C PRO A 510 11.88 -9.70 16.50
N ASP A 511 12.60 -8.68 16.05
CA ASP A 511 12.51 -7.40 16.72
C ASP A 511 11.14 -6.76 16.79
N THR A 512 10.35 -6.90 15.73
CA THR A 512 9.02 -6.31 15.70
C THR A 512 7.95 -7.36 15.43
N GLY A 513 8.39 -8.54 14.99
CA GLY A 513 7.48 -9.62 14.69
C GLY A 513 6.86 -9.54 13.30
N ARG A 514 7.28 -8.53 12.53
CA ARG A 514 6.73 -8.33 11.18
C ARG A 514 7.25 -9.33 10.15
N PRO A 515 6.47 -9.57 9.08
CA PRO A 515 6.98 -10.49 8.06
C PRO A 515 8.15 -9.74 7.43
N ARG A 516 9.21 -10.46 7.06
CA ARG A 516 10.38 -9.83 6.47
C ARG A 516 10.69 -10.45 5.11
N ALA A 517 10.75 -9.61 4.08
CA ALA A 517 11.00 -10.10 2.72
C ALA A 517 12.45 -10.49 2.44
N ASN A 518 12.64 -11.64 1.79
CA ASN A 518 13.98 -12.11 1.43
C ASN A 518 14.25 -11.60 0.04
N LYS A 519 15.45 -11.06 -0.18
CA LYS A 519 15.82 -10.63 -1.52
C LYS A 519 15.92 -11.89 -2.39
N GLU A 520 15.70 -11.72 -3.69
CA GLU A 520 15.79 -12.82 -4.64
C GLU A 520 17.20 -13.43 -4.62
N GLY A 521 17.29 -14.76 -4.55
CA GLY A 521 18.60 -15.41 -4.56
C GLY A 521 19.38 -15.46 -3.25
N SER A 522 18.92 -14.79 -2.22
CA SER A 522 19.63 -14.81 -0.96
C SER A 522 19.59 -16.23 -0.36
N VAL A 523 20.46 -16.46 0.62
CA VAL A 523 20.51 -17.74 1.29
C VAL A 523 19.13 -18.12 1.82
N LYS A 524 18.53 -17.24 2.62
CA LYS A 524 17.21 -17.54 3.17
C LYS A 524 16.21 -17.79 2.04
N ASP A 525 16.30 -17.01 0.97
CA ASP A 525 15.36 -17.20 -0.13
C ASP A 525 15.48 -18.62 -0.71
N ARG A 526 16.71 -19.06 -0.97
CA ARG A 526 16.95 -20.39 -1.53
C ARG A 526 16.45 -21.50 -0.60
N GLU A 527 16.79 -21.38 0.68
CA GLU A 527 16.38 -22.36 1.70
C GLU A 527 14.86 -22.52 1.75
N GLN A 528 14.15 -21.39 1.81
CA GLN A 528 12.68 -21.42 1.87
C GLN A 528 12.05 -21.98 0.60
N LYS A 529 12.61 -21.63 -0.55
CA LYS A 529 12.07 -22.12 -1.81
C LYS A 529 12.27 -23.62 -1.96
N GLU A 530 13.44 -24.11 -1.54
CA GLU A 530 13.72 -25.52 -1.64
C GLU A 530 12.80 -26.34 -0.74
N LYS A 531 12.42 -25.77 0.40
CA LYS A 531 11.54 -26.47 1.31
C LYS A 531 10.05 -26.20 1.03
N GLY A 532 9.75 -25.25 0.14
CA GLY A 532 8.37 -24.93 -0.14
C GLY A 532 7.71 -24.13 0.99
N GLU A 533 8.52 -23.52 1.84
CA GLU A 533 8.01 -22.73 2.95
C GLU A 533 8.22 -21.26 2.58
N TYR A 534 7.24 -20.71 1.89
CA TYR A 534 7.32 -19.33 1.42
C TYR A 534 6.96 -18.27 2.45
N TYR A 535 6.36 -18.68 3.54
CA TYR A 535 5.91 -17.71 4.53
C TYR A 535 6.00 -18.19 5.95
N TYR A 536 6.88 -17.58 6.73
CA TYR A 536 7.04 -18.00 8.11
C TYR A 536 6.14 -17.22 9.06
N ILE A 537 5.82 -17.90 10.14
CA ILE A 537 5.02 -17.37 11.22
C ILE A 537 5.78 -17.84 12.46
N ALA A 538 6.39 -19.03 12.34
CA ALA A 538 7.16 -19.65 13.40
C ALA A 538 8.46 -20.27 12.88
MG MG B . -12.54 -5.93 -5.84
MG MG C . 3.69 12.33 -2.57
PB ADP D . -11.97 -8.46 -7.81
O1B ADP D . -12.68 -7.76 -6.70
O2B ADP D . -11.22 -9.75 -7.46
O3B ADP D . -11.02 -7.44 -8.49
PA ADP D . -14.59 -8.45 -9.13
O1A ADP D . -15.37 -9.40 -8.33
O2A ADP D . -14.83 -6.99 -8.96
O3A ADP D . -13.03 -8.68 -8.97
O5' ADP D . -14.80 -8.80 -10.65
C5' ADP D . -14.74 -10.12 -11.21
C4' ADP D . -14.96 -10.00 -12.71
O4' ADP D . -16.38 -9.83 -12.87
C3' ADP D . -14.29 -8.81 -13.40
O3' ADP D . -13.83 -9.26 -14.68
C2' ADP D . -15.43 -7.81 -13.53
O2' ADP D . -15.28 -6.97 -14.68
C1' ADP D . -16.68 -8.65 -13.67
N9 ADP D . -17.92 -8.07 -13.08
C8 ADP D . -18.16 -7.67 -11.79
N7 ADP D . -19.38 -7.20 -11.57
C5 ADP D . -19.96 -7.30 -12.82
C6 ADP D . -21.25 -6.96 -13.27
N6 ADP D . -22.16 -6.46 -12.43
N1 ADP D . -21.56 -7.17 -14.56
C2 ADP D . -20.64 -7.67 -15.40
N3 ADP D . -19.37 -8.03 -15.09
C4 ADP D . -19.10 -7.81 -13.76
PB ADP E . 4.11 13.86 0.39
O1B ADP E . 4.47 13.42 -1.00
O2B ADP E . 4.89 13.39 1.53
O3B ADP E . 2.55 13.51 0.60
PA ADP E . 4.36 16.53 -0.80
O1A ADP E . 5.83 16.60 -0.92
O2A ADP E . 3.59 16.32 -2.04
O3A ADP E . 4.01 15.45 0.31
O5' ADP E . 3.90 17.86 -0.10
C5' ADP E . 4.22 18.25 1.25
C4' ADP E . 3.39 19.47 1.59
O4' ADP E . 3.72 20.53 0.63
C3' ADP E . 1.90 19.22 1.50
O3' ADP E . 1.32 19.79 2.66
C2' ADP E . 1.53 19.90 0.22
O2' ADP E . 0.18 20.36 0.17
C1' ADP E . 2.52 21.08 0.06
N9 ADP E . 2.77 21.43 -1.38
C8 ADP E . 3.14 20.59 -2.40
N7 ADP E . 3.29 21.18 -3.57
C5 ADP E . 3.00 22.50 -3.27
C6 ADP E . 2.97 23.67 -4.07
N6 ADP E . 3.26 23.60 -5.38
N1 ADP E . 2.63 24.86 -3.50
C2 ADP E . 2.35 24.89 -2.20
N3 ADP E . 2.34 23.86 -1.32
C4 ADP E . 2.68 22.67 -1.94
#